data_6TKR
#
_entry.id   6TKR
#
_cell.length_a   41.990
_cell.length_b   76.760
_cell.length_c   148.120
_cell.angle_alpha   90.000
_cell.angle_beta   90.000
_cell.angle_gamma   90.000
#
_symmetry.space_group_name_H-M   'P 21 21 21'
#
loop_
_entity.id
_entity.type
_entity.pdbx_description
1 polymer Tankyrase-2
2 non-polymer ~{N}-[3-[5-(5-ethoxypyridin-2-yl)-4-(2-fluorophenyl)-1,2,4-triazol-3-yl]cyclobutyl]-1,5-naphthyridine-2-carboxamide
3 non-polymer 'ZINC ION'
4 water water
#
_entity_poly.entity_id   1
_entity_poly.type   'polypeptide(L)'
_entity_poly.pdbx_seq_one_letter_code
;MHHHHHHSSGVDLGTENLYFQSMLNTSGSGTILIDLSPDDKEFQSVEEEMQSTVREHRDGGHAGGIFNRYNILKIQKVCN
KKLWERYTHRRKEVSEENHNHANERMLFHGSPFVNAIIHKGFDERHAYIGGMFGAGIYFAENSSKSNQYVYGIGGGTGCP
VHKDRSCYICHRQLLFCRVTLGKSFLQFSAMKMAHSPPGHHSVTGRPSVNGLALAEYVIYRGEQAYPEYLITYQIMRPEG
;
_entity_poly.pdbx_strand_id   AAA,BBB
#
loop_
_chem_comp.id
_chem_comp.type
_chem_comp.name
_chem_comp.formula
NJK non-polymer ~{N}-[3-[5-(5-ethoxypyridin-2-yl)-4-(2-fluorophenyl)-1,2,4-triazol-3-yl]cyclobutyl]-1,5-naphthyridine-2-carboxamide 'C28 H24 F N7 O2'
ZN non-polymer 'ZINC ION' 'Zn 2'
#
# COMPACT_ATOMS: atom_id res chain seq x y z
N SER A 29 22.53 -8.15 -1.80
CA SER A 29 22.13 -7.12 -0.79
C SER A 29 23.31 -6.22 -0.42
N GLY A 30 23.09 -4.89 -0.40
CA GLY A 30 24.07 -3.89 0.03
C GLY A 30 23.82 -3.46 1.46
N THR A 31 23.22 -4.32 2.30
CA THR A 31 23.00 -4.07 3.75
C THR A 31 24.25 -4.46 4.54
N ILE A 32 24.51 -3.74 5.63
CA ILE A 32 25.78 -3.77 6.44
C ILE A 32 25.44 -3.58 7.92
N LEU A 33 26.06 -4.35 8.82
CA LEU A 33 25.85 -4.24 10.28
C LEU A 33 27.08 -3.60 10.93
N ILE A 34 26.88 -2.60 11.80
CA ILE A 34 27.93 -2.04 12.70
C ILE A 34 27.67 -2.61 14.10
N ASP A 35 28.56 -3.48 14.58
CA ASP A 35 28.54 -3.93 16.00
C ASP A 35 28.84 -2.71 16.87
N LEU A 36 27.98 -2.42 17.83
CA LEU A 36 28.20 -1.32 18.79
C LEU A 36 28.87 -1.89 20.05
N SER A 37 29.94 -1.23 20.48
CA SER A 37 30.60 -1.50 21.78
C SER A 37 29.59 -1.28 22.90
N PRO A 38 29.47 -2.18 23.90
CA PRO A 38 28.59 -1.96 25.05
C PRO A 38 28.90 -0.70 25.88
N ASP A 39 30.08 -0.12 25.69
CA ASP A 39 30.49 1.13 26.39
C ASP A 39 30.04 2.35 25.57
N ASP A 40 29.70 2.12 24.29
CA ASP A 40 29.18 3.14 23.33
C ASP A 40 27.83 3.66 23.84
N LYS A 41 27.70 4.97 24.07
CA LYS A 41 26.45 5.61 24.57
C LYS A 41 25.26 5.21 23.69
N GLU A 42 25.45 5.21 22.37
CA GLU A 42 24.43 4.79 21.35
C GLU A 42 23.88 3.42 21.75
N PHE A 43 24.76 2.46 22.08
CA PHE A 43 24.41 1.11 22.59
C PHE A 43 23.60 1.26 23.89
N GLN A 44 24.15 1.96 24.88
CA GLN A 44 23.59 2.15 26.24
C GLN A 44 22.18 2.74 26.11
N SER A 45 22.03 3.67 25.16
CA SER A 45 20.77 4.39 24.86
C SER A 45 19.68 3.37 24.50
N VAL A 46 19.97 2.53 23.50
CA VAL A 46 19.08 1.42 23.03
C VAL A 46 18.97 0.37 24.13
N GLU A 47 20.09 0.00 24.75
CA GLU A 47 20.13 -0.92 25.91
C GLU A 47 19.06 -0.49 26.91
N GLU A 48 19.06 0.80 27.28
CA GLU A 48 18.21 1.37 28.36
C GLU A 48 16.75 1.36 27.89
N GLU A 49 16.48 1.89 26.69
CA GLU A 49 15.11 1.96 26.13
C GLU A 49 14.51 0.56 26.12
N MET A 50 15.29 -0.43 25.71
CA MET A 50 14.88 -1.85 25.68
C MET A 50 14.45 -2.31 27.08
N GLN A 51 15.33 -2.15 28.06
CA GLN A 51 15.12 -2.66 29.45
C GLN A 51 13.96 -1.91 30.09
N SER A 52 13.94 -0.57 29.98
CA SER A 52 13.04 0.34 30.73
C SER A 52 11.60 0.19 30.25
N THR A 53 11.39 -0.17 28.98
CA THR A 53 10.05 -0.22 28.35
C THR A 53 9.39 -1.59 28.57
N VAL A 54 9.97 -2.46 29.39
CA VAL A 54 9.36 -3.78 29.73
C VAL A 54 8.19 -3.55 30.68
N ARG A 55 7.09 -4.32 30.52
CA ARG A 55 5.86 -4.20 31.34
C ARG A 55 5.29 -5.58 31.65
N GLU A 56 4.51 -5.65 32.74
CA GLU A 56 3.58 -6.77 33.08
C GLU A 56 2.52 -6.86 31.98
N HIS A 57 2.28 -8.04 31.42
CA HIS A 57 1.30 -8.25 30.31
C HIS A 57 0.04 -8.95 30.85
N ARG A 58 -1.11 -8.70 30.21
CA ARG A 58 -2.37 -9.48 30.36
C ARG A 58 -2.03 -10.97 30.29
N ASP A 59 -1.28 -11.37 29.27
CA ASP A 59 -0.75 -12.74 28.98
C ASP A 59 -0.28 -13.52 30.21
N GLY A 60 0.36 -12.86 31.17
CA GLY A 60 1.19 -13.51 32.19
C GLY A 60 2.35 -14.28 31.55
N GLY A 61 2.92 -13.73 30.47
CA GLY A 61 4.10 -14.27 29.76
C GLY A 61 3.77 -15.45 28.87
N HIS A 62 2.50 -15.76 28.65
CA HIS A 62 2.05 -16.92 27.82
C HIS A 62 2.61 -16.78 26.40
N ALA A 63 2.79 -15.55 25.91
CA ALA A 63 3.24 -15.24 24.54
C ALA A 63 4.76 -15.07 24.48
N GLY A 64 5.30 -14.13 25.26
CA GLY A 64 6.72 -13.74 25.19
C GLY A 64 7.58 -14.35 26.29
N GLY A 65 6.97 -15.12 27.19
CA GLY A 65 7.67 -15.73 28.35
C GLY A 65 7.56 -14.86 29.59
N ILE A 66 8.06 -15.39 30.72
CA ILE A 66 8.11 -14.72 32.07
C ILE A 66 9.51 -14.12 32.26
N PHE A 67 9.60 -12.81 32.51
CA PHE A 67 10.88 -12.07 32.67
C PHE A 67 10.57 -10.66 33.15
N ASN A 68 11.52 -10.00 33.81
CA ASN A 68 11.44 -8.56 34.19
C ASN A 68 12.58 -7.80 33.51
N ARG A 69 13.50 -8.51 32.85
CA ARG A 69 14.73 -7.92 32.26
CA ARG A 69 14.78 -7.97 32.33
C ARG A 69 15.23 -8.85 31.15
N TYR A 70 16.10 -8.31 30.29
CA TYR A 70 16.73 -9.02 29.15
C TYR A 70 18.23 -9.18 29.40
N ASN A 71 18.81 -10.21 28.76
CA ASN A 71 20.26 -10.36 28.53
C ASN A 71 20.55 -9.76 27.15
N ILE A 72 21.18 -8.59 27.09
CA ILE A 72 21.44 -7.83 25.84
C ILE A 72 22.79 -8.27 25.27
N LEU A 73 22.78 -9.10 24.23
CA LEU A 73 23.97 -9.77 23.67
C LEU A 73 24.63 -8.92 22.59
N LYS A 74 23.86 -8.38 21.65
CA LYS A 74 24.43 -7.62 20.53
C LYS A 74 23.42 -6.60 20.00
N ILE A 75 23.86 -5.35 19.92
CA ILE A 75 23.15 -4.24 19.21
C ILE A 75 24.00 -3.82 18.03
N GLN A 76 23.45 -3.97 16.82
CA GLN A 76 24.12 -3.66 15.54
C GLN A 76 23.31 -2.57 14.81
N LYS A 77 23.96 -1.48 14.40
CA LYS A 77 23.38 -0.43 13.52
C LYS A 77 23.25 -1.03 12.12
N VAL A 78 22.06 -1.00 11.55
CA VAL A 78 21.78 -1.48 10.16
C VAL A 78 22.05 -0.31 9.23
N CYS A 79 22.86 -0.53 8.17
CA CYS A 79 23.26 0.50 7.19
C CYS A 79 22.97 -0.01 5.77
N ASN A 80 22.07 0.66 5.04
CA ASN A 80 21.64 0.28 3.67
C ASN A 80 21.13 1.51 2.93
N LYS A 81 21.87 2.03 1.94
CA LYS A 81 21.53 3.28 1.20
C LYS A 81 20.15 3.11 0.55
N LYS A 82 19.94 2.07 -0.29
CA LYS A 82 18.65 1.83 -0.98
C LYS A 82 17.53 2.04 0.04
N LEU A 83 17.63 1.43 1.22
CA LEU A 83 16.56 1.48 2.24
C LEU A 83 16.48 2.86 2.91
N TRP A 84 17.60 3.52 3.14
CA TRP A 84 17.60 4.85 3.81
C TRP A 84 16.89 5.87 2.90
N GLU A 85 17.18 5.82 1.60
CA GLU A 85 16.61 6.73 0.57
C GLU A 85 15.11 6.45 0.40
N ARG A 86 14.73 5.17 0.37
CA ARG A 86 13.31 4.75 0.33
C ARG A 86 12.54 5.39 1.49
N TYR A 87 13.14 5.46 2.68
CA TYR A 87 12.49 5.94 3.92
C TYR A 87 12.36 7.46 3.87
N THR A 88 13.48 8.17 3.81
CA THR A 88 13.53 9.67 3.84
C THR A 88 12.61 10.24 2.76
N HIS A 89 12.57 9.61 1.58
CA HIS A 89 11.74 10.01 0.43
C HIS A 89 10.26 9.97 0.83
N ARG A 90 9.84 8.88 1.46
CA ARG A 90 8.45 8.68 1.93
C ARG A 90 8.19 9.66 3.07
N ARG A 91 9.17 9.76 3.98
CA ARG A 91 9.07 10.63 5.17
C ARG A 91 8.72 12.06 4.70
N LYS A 92 9.46 12.57 3.70
CA LYS A 92 9.22 13.90 3.07
C LYS A 92 7.76 13.99 2.63
N GLU A 93 7.33 13.07 1.75
CA GLU A 93 5.94 13.02 1.23
C GLU A 93 4.97 13.17 2.38
N VAL A 94 5.13 12.36 3.42
CA VAL A 94 4.18 12.33 4.57
C VAL A 94 4.17 13.71 5.23
N SER A 95 5.34 14.27 5.54
CA SER A 95 5.47 15.63 6.13
C SER A 95 4.53 16.58 5.39
N GLU A 96 4.67 16.65 4.07
CA GLU A 96 3.90 17.57 3.20
C GLU A 96 2.40 17.29 3.34
N GLU A 97 2.02 16.04 3.58
CA GLU A 97 0.59 15.64 3.76
C GLU A 97 0.13 15.80 5.21
N ASN A 98 0.93 16.37 6.11
CA ASN A 98 0.67 16.35 7.58
C ASN A 98 1.32 17.58 8.24
N HIS A 99 1.13 18.75 7.64
CA HIS A 99 1.55 20.07 8.20
C HIS A 99 3.08 20.10 8.38
N ASN A 100 3.81 19.53 7.44
CA ASN A 100 5.30 19.54 7.35
C ASN A 100 5.91 18.93 8.63
N HIS A 101 5.25 17.92 9.20
CA HIS A 101 5.81 17.10 10.30
C HIS A 101 5.61 15.62 10.00
N ALA A 102 6.72 14.86 10.02
CA ALA A 102 6.80 13.43 9.69
C ALA A 102 6.10 12.58 10.76
N ASN A 103 6.09 13.08 12.00
CA ASN A 103 5.60 12.38 13.21
C ASN A 103 6.41 11.09 13.38
N GLU A 104 7.73 11.26 13.44
CA GLU A 104 8.72 10.16 13.46
C GLU A 104 8.91 9.68 14.88
N ARG A 105 8.89 8.36 15.06
CA ARG A 105 9.06 7.69 16.36
C ARG A 105 10.07 6.56 16.21
N MET A 106 10.89 6.34 17.24
CA MET A 106 11.66 5.10 17.47
C MET A 106 10.69 4.09 18.09
N LEU A 107 10.41 2.99 17.39
CA LEU A 107 9.54 1.91 17.92
C LEU A 107 10.18 0.55 17.67
N PHE A 108 9.95 -0.37 18.62
CA PHE A 108 10.39 -1.79 18.55
C PHE A 108 9.48 -2.51 17.55
N HIS A 109 10.07 -3.42 16.80
CA HIS A 109 9.34 -4.37 15.93
C HIS A 109 9.80 -5.79 16.24
N GLY A 110 8.84 -6.67 16.55
CA GLY A 110 9.02 -8.13 16.60
C GLY A 110 8.25 -8.81 15.49
N SER A 111 8.86 -9.79 14.83
CA SER A 111 8.24 -10.71 13.85
C SER A 111 9.24 -11.80 13.47
N PRO A 112 8.77 -12.97 12.95
CA PRO A 112 9.67 -14.01 12.47
C PRO A 112 10.64 -13.60 11.34
N PHE A 113 10.50 -12.41 10.74
CA PHE A 113 11.10 -12.09 9.41
C PHE A 113 12.25 -11.09 9.54
N VAL A 114 12.83 -10.95 10.73
CA VAL A 114 13.81 -9.87 11.02
C VAL A 114 15.03 -10.01 10.12
N ASN A 115 15.48 -11.24 9.83
CA ASN A 115 16.69 -11.47 9.01
C ASN A 115 16.42 -11.02 7.56
N ALA A 116 15.20 -11.22 7.08
CA ALA A 116 14.78 -10.78 5.73
C ALA A 116 14.76 -9.25 5.69
N ILE A 117 14.14 -8.65 6.71
CA ILE A 117 13.80 -7.20 6.79
C ILE A 117 15.06 -6.35 6.64
N ILE A 118 16.17 -6.74 7.27
CA ILE A 118 17.42 -5.95 7.30
C ILE A 118 18.10 -5.96 5.93
N HIS A 119 17.70 -6.88 5.05
CA HIS A 119 18.25 -7.02 3.67
C HIS A 119 17.28 -6.42 2.64
N LYS A 120 16.02 -6.86 2.61
CA LYS A 120 15.06 -6.48 1.54
C LYS A 120 14.22 -5.27 1.98
N GLY A 121 14.22 -4.92 3.27
CA GLY A 121 13.39 -3.85 3.86
C GLY A 121 12.05 -4.38 4.36
N PHE A 122 11.31 -3.60 5.15
CA PHE A 122 9.90 -3.92 5.54
C PHE A 122 9.07 -4.02 4.25
N ASP A 123 8.12 -4.96 4.22
CA ASP A 123 7.35 -5.32 3.00
C ASP A 123 5.92 -5.69 3.39
N GLU A 124 4.98 -4.80 3.08
CA GLU A 124 3.54 -4.91 3.49
C GLU A 124 2.93 -6.16 2.86
N ARG A 125 3.46 -6.61 1.73
CA ARG A 125 2.92 -7.76 0.95
C ARG A 125 2.96 -9.06 1.77
N HIS A 126 3.63 -9.06 2.93
CA HIS A 126 3.75 -10.24 3.85
C HIS A 126 2.96 -9.99 5.14
N ALA A 127 2.17 -8.92 5.21
CA ALA A 127 1.33 -8.55 6.37
C ALA A 127 0.30 -9.66 6.62
N TYR A 128 -0.07 -9.92 7.89
CA TYR A 128 -1.15 -10.89 8.24
C TYR A 128 -2.51 -10.22 8.07
N ILE A 129 -3.31 -10.77 7.14
CA ILE A 129 -4.61 -10.23 6.67
C ILE A 129 -5.61 -10.12 7.83
N GLY A 130 -5.48 -10.97 8.86
CA GLY A 130 -6.45 -11.08 9.96
C GLY A 130 -5.98 -10.45 11.27
N GLY A 131 -5.04 -9.50 11.24
CA GLY A 131 -4.69 -8.68 12.43
C GLY A 131 -5.92 -7.95 12.94
N MET A 132 -5.90 -7.46 14.18
CA MET A 132 -7.04 -6.69 14.78
C MET A 132 -7.10 -5.29 14.16
N PHE A 133 -6.05 -4.88 13.44
CA PHE A 133 -5.94 -3.59 12.70
C PHE A 133 -5.63 -3.85 11.23
N GLY A 134 -6.08 -5.00 10.72
CA GLY A 134 -5.92 -5.38 9.29
C GLY A 134 -4.47 -5.65 8.94
N ALA A 135 -4.18 -5.73 7.65
CA ALA A 135 -2.90 -6.19 7.08
C ALA A 135 -1.91 -5.02 7.07
N GLY A 136 -1.30 -4.75 8.21
CA GLY A 136 -0.22 -3.76 8.34
C GLY A 136 0.97 -4.34 9.08
N ILE A 137 1.96 -3.48 9.36
CA ILE A 137 3.21 -3.84 10.07
C ILE A 137 3.14 -3.24 11.47
N TYR A 138 3.02 -4.09 12.48
CA TYR A 138 2.79 -3.70 13.89
C TYR A 138 4.14 -3.36 14.54
N PHE A 139 4.19 -2.21 15.20
CA PHE A 139 5.28 -1.75 16.08
C PHE A 139 4.72 -1.58 17.50
N ALA A 140 5.58 -1.18 18.44
CA ALA A 140 5.22 -0.94 19.85
C ALA A 140 6.30 -0.05 20.48
N GLU A 141 5.91 0.69 21.52
CA GLU A 141 6.84 1.54 22.31
C GLU A 141 7.36 0.74 23.50
N ASN A 142 6.89 -0.51 23.66
CA ASN A 142 7.30 -1.47 24.73
C ASN A 142 7.96 -2.69 24.09
N SER A 143 9.30 -2.79 24.18
CA SER A 143 10.09 -4.00 23.87
C SER A 143 9.30 -5.27 24.23
N SER A 144 8.77 -5.35 25.45
CA SER A 144 8.11 -6.59 25.97
C SER A 144 6.88 -6.94 25.12
N LYS A 145 6.28 -5.97 24.43
CA LYS A 145 5.13 -6.19 23.51
C LYS A 145 5.65 -6.83 22.22
N SER A 146 6.59 -6.16 21.53
CA SER A 146 7.22 -6.64 20.27
C SER A 146 7.81 -8.05 20.48
N ASN A 147 8.39 -8.29 21.67
CA ASN A 147 8.93 -9.60 22.08
C ASN A 147 7.89 -10.70 21.85
N GLN A 148 6.62 -10.40 22.11
CA GLN A 148 5.51 -11.39 21.99
C GLN A 148 5.42 -11.95 20.57
N TYR A 149 5.80 -11.16 19.56
CA TYR A 149 5.52 -11.46 18.13
C TYR A 149 6.73 -12.10 17.46
N VAL A 150 7.79 -12.33 18.22
CA VAL A 150 9.13 -12.77 17.70
C VAL A 150 9.02 -14.17 17.09
N TYR A 151 8.34 -15.10 17.76
CA TYR A 151 8.18 -16.51 17.31
C TYR A 151 6.81 -16.68 16.64
N GLY A 152 6.20 -15.57 16.19
CA GLY A 152 4.91 -15.54 15.47
C GLY A 152 3.82 -14.84 16.26
N ILE A 153 2.56 -14.99 15.83
CA ILE A 153 1.38 -14.34 16.47
C ILE A 153 1.14 -15.01 17.82
N GLY A 154 0.94 -14.20 18.86
CA GLY A 154 0.75 -14.66 20.26
C GLY A 154 1.86 -15.60 20.70
N GLY A 155 3.08 -15.36 20.18
CA GLY A 155 4.29 -16.17 20.47
C GLY A 155 4.39 -17.41 19.60
N GLY A 156 3.31 -17.76 18.91
CA GLY A 156 3.21 -18.94 18.03
C GLY A 156 3.59 -20.23 18.74
N THR A 157 4.46 -21.02 18.11
CA THR A 157 4.88 -22.37 18.55
C THR A 157 6.02 -22.27 19.57
N GLY A 158 6.39 -21.04 19.97
CA GLY A 158 7.61 -20.76 20.77
C GLY A 158 8.86 -20.91 19.92
N CYS A 159 10.01 -21.06 20.56
CA CYS A 159 11.35 -21.21 19.92
C CYS A 159 11.34 -22.41 18.98
N PRO A 160 12.19 -22.43 17.92
CA PRO A 160 12.27 -23.57 17.02
C PRO A 160 12.86 -24.83 17.69
N VAL A 161 13.78 -24.66 18.64
CA VAL A 161 14.63 -25.73 19.24
C VAL A 161 13.87 -26.47 20.35
N HIS A 162 13.23 -25.73 21.27
CA HIS A 162 12.59 -26.26 22.51
C HIS A 162 11.05 -26.15 22.46
N LYS A 163 10.48 -25.50 21.42
CA LYS A 163 9.03 -25.22 21.31
C LYS A 163 8.50 -24.58 22.62
N ASP A 164 9.23 -23.59 23.16
CA ASP A 164 8.93 -22.93 24.46
C ASP A 164 8.92 -21.40 24.25
N ARG A 165 7.75 -20.79 24.34
CA ARG A 165 7.56 -19.33 24.19
C ARG A 165 8.35 -18.59 25.28
N SER A 166 8.60 -19.24 26.42
CA SER A 166 9.35 -18.69 27.58
C SER A 166 10.79 -19.23 27.64
N CYS A 167 11.39 -19.54 26.49
CA CYS A 167 12.78 -20.06 26.42
C CYS A 167 13.77 -18.96 26.87
N TYR A 168 14.60 -19.28 27.86
CA TYR A 168 15.68 -18.40 28.38
C TYR A 168 17.00 -18.72 27.69
N ILE A 169 17.01 -19.79 26.89
CA ILE A 169 18.22 -20.32 26.20
C ILE A 169 18.28 -19.70 24.81
N CYS A 170 17.27 -19.93 23.99
CA CYS A 170 17.27 -19.47 22.57
C CYS A 170 17.35 -17.93 22.55
N HIS A 171 18.34 -17.43 21.80
CA HIS A 171 18.56 -15.99 21.45
C HIS A 171 17.44 -15.46 20.55
N ARG A 172 16.90 -14.29 20.89
CA ARG A 172 15.82 -13.61 20.13
C ARG A 172 16.42 -12.38 19.42
N GLN A 173 15.73 -11.85 18.41
CA GLN A 173 16.08 -10.57 17.75
C GLN A 173 14.84 -9.66 17.67
N LEU A 174 15.01 -8.41 18.10
CA LEU A 174 14.04 -7.29 17.89
C LEU A 174 14.69 -6.28 16.96
N LEU A 175 13.87 -5.46 16.31
CA LEU A 175 14.33 -4.27 15.55
C LEU A 175 13.88 -3.03 16.31
N PHE A 176 14.78 -2.06 16.44
CA PHE A 176 14.46 -0.70 16.93
C PHE A 176 14.53 0.24 15.72
N CYS A 177 13.35 0.61 15.20
CA CYS A 177 13.16 1.22 13.87
C CYS A 177 12.72 2.67 14.01
N ARG A 178 13.27 3.54 13.15
CA ARG A 178 12.68 4.86 12.81
C ARG A 178 11.39 4.60 12.06
N VAL A 179 10.26 5.08 12.58
CA VAL A 179 8.93 4.88 11.98
C VAL A 179 8.30 6.25 11.73
N THR A 180 7.82 6.47 10.50
CA THR A 180 7.05 7.66 10.07
C THR A 180 5.56 7.35 10.30
N LEU A 181 4.96 7.92 11.34
CA LEU A 181 3.55 7.67 11.72
C LEU A 181 2.65 8.62 10.95
N GLY A 182 3.15 9.82 10.60
CA GLY A 182 2.36 10.88 9.96
C GLY A 182 1.15 11.27 10.81
N LYS A 183 -0.01 11.44 10.18
CA LYS A 183 -1.30 11.62 10.87
C LYS A 183 -1.87 10.23 11.15
N SER A 184 -1.89 9.83 12.42
CA SER A 184 -2.27 8.47 12.86
C SER A 184 -3.75 8.43 13.28
N PHE A 185 -4.51 7.52 12.69
CA PHE A 185 -5.93 7.24 13.02
C PHE A 185 -5.98 6.47 14.34
N LEU A 186 -6.82 6.91 15.29
CA LEU A 186 -7.04 6.21 16.60
C LEU A 186 -8.18 5.19 16.45
N GLN A 187 -7.94 3.93 16.83
CA GLN A 187 -8.83 2.76 16.64
C GLN A 187 -8.83 1.95 17.95
N PHE A 188 -9.77 1.01 18.13
CA PHE A 188 -9.76 0.01 19.24
C PHE A 188 -10.36 -1.33 18.75
N SER A 189 -9.96 -2.45 19.36
CA SER A 189 -10.48 -3.82 19.12
C SER A 189 -11.27 -4.28 20.34
N MET A 193 -9.82 -3.92 7.64
CA MET A 193 -9.00 -2.77 7.14
C MET A 193 -7.77 -3.30 6.39
N ALA A 194 -7.24 -2.52 5.42
CA ALA A 194 -6.24 -2.97 4.42
C ALA A 194 -5.16 -1.92 4.18
N HIS A 195 -5.51 -0.63 4.16
CA HIS A 195 -4.58 0.53 4.09
C HIS A 195 -4.87 1.49 5.24
N SER A 196 -4.13 2.59 5.31
CA SER A 196 -4.46 3.76 6.18
C SER A 196 -5.86 4.26 5.82
N PRO A 197 -6.65 4.73 6.81
CA PRO A 197 -7.89 5.42 6.50
C PRO A 197 -7.56 6.68 5.69
N PRO A 198 -8.54 7.24 4.94
CA PRO A 198 -8.30 8.41 4.11
C PRO A 198 -7.68 9.57 4.89
N GLY A 199 -6.70 10.25 4.30
CA GLY A 199 -6.00 11.41 4.89
C GLY A 199 -5.15 11.03 6.10
N HIS A 200 -4.81 9.75 6.28
CA HIS A 200 -4.00 9.23 7.42
C HIS A 200 -2.81 8.41 6.91
N HIS A 201 -1.78 8.22 7.74
CA HIS A 201 -0.50 7.55 7.36
C HIS A 201 -0.19 6.32 8.22
N SER A 202 -0.81 6.22 9.39
CA SER A 202 -0.60 5.12 10.36
C SER A 202 -1.88 4.91 11.17
N VAL A 203 -1.92 3.86 12.00
CA VAL A 203 -3.00 3.60 12.99
C VAL A 203 -2.35 3.43 14.37
N THR A 204 -2.84 4.13 15.39
CA THR A 204 -2.49 3.92 16.82
C THR A 204 -3.67 3.19 17.49
N GLY A 205 -3.43 2.01 18.09
CA GLY A 205 -4.44 1.24 18.86
C GLY A 205 -4.13 1.21 20.35
N ARG A 206 -5.04 0.68 21.19
CA ARG A 206 -4.82 0.47 22.66
C ARG A 206 -5.78 -0.57 23.26
N PRO A 207 -5.72 -1.85 22.82
CA PRO A 207 -6.64 -2.88 23.32
C PRO A 207 -6.37 -3.38 24.76
N LEU A 212 -4.82 -3.60 31.59
CA LEU A 212 -3.63 -2.98 30.93
C LEU A 212 -3.93 -2.72 29.44
N ALA A 213 -4.01 -1.44 29.07
CA ALA A 213 -3.97 -0.94 27.67
C ALA A 213 -2.54 -0.48 27.34
N LEU A 214 -1.91 -1.15 26.37
CA LEU A 214 -0.60 -0.76 25.80
C LEU A 214 -0.76 -0.34 24.33
N ALA A 215 0.10 0.58 23.90
CA ALA A 215 0.08 1.21 22.56
C ALA A 215 0.72 0.27 21.53
N GLU A 216 -0.03 -0.13 20.50
CA GLU A 216 0.51 -0.70 19.23
C GLU A 216 0.40 0.37 18.15
N TYR A 217 1.26 0.31 17.13
CA TYR A 217 1.23 1.22 15.95
C TYR A 217 1.32 0.37 14.67
N VAL A 218 0.59 0.75 13.64
CA VAL A 218 0.51 -0.03 12.38
C VAL A 218 0.78 0.89 11.18
N ILE A 219 1.62 0.47 10.26
CA ILE A 219 1.80 1.11 8.93
C ILE A 219 1.37 0.08 7.88
N TYR A 220 1.00 0.55 6.69
CA TYR A 220 0.51 -0.30 5.56
C TYR A 220 1.39 -0.04 4.34
N ARG A 221 2.58 0.52 4.59
CA ARG A 221 3.63 0.83 3.58
C ARG A 221 4.99 0.61 4.22
N GLY A 222 5.78 -0.33 3.68
CA GLY A 222 7.08 -0.72 4.23
C GLY A 222 8.06 0.45 4.36
N GLU A 223 7.92 1.53 3.59
CA GLU A 223 8.93 2.62 3.54
C GLU A 223 8.62 3.69 4.58
N GLN A 224 7.57 3.51 5.39
CA GLN A 224 7.27 4.40 6.54
C GLN A 224 8.04 3.95 7.78
N ALA A 225 8.98 3.00 7.64
CA ALA A 225 9.81 2.45 8.74
C ALA A 225 11.18 2.01 8.23
N TYR A 226 12.24 2.37 8.94
CA TYR A 226 13.63 1.92 8.70
C TYR A 226 14.13 1.19 9.96
N PRO A 227 14.67 -0.05 9.84
CA PRO A 227 15.10 -0.81 11.01
C PRO A 227 16.53 -0.40 11.42
N GLU A 228 16.66 0.58 12.31
CA GLU A 228 17.94 1.31 12.51
C GLU A 228 18.93 0.44 13.32
N TYR A 229 18.42 -0.39 14.23
CA TYR A 229 19.23 -1.20 15.17
C TYR A 229 18.68 -2.62 15.23
N LEU A 230 19.56 -3.60 15.06
CA LEU A 230 19.28 -5.04 15.25
C LEU A 230 19.76 -5.43 16.65
N ILE A 231 18.84 -5.87 17.49
CA ILE A 231 19.10 -6.22 18.91
C ILE A 231 19.00 -7.73 19.04
N THR A 232 20.12 -8.37 19.36
CA THR A 232 20.20 -9.81 19.73
C THR A 232 20.21 -9.90 21.26
N TYR A 233 19.40 -10.79 21.84
CA TYR A 233 19.13 -10.82 23.30
C TYR A 233 18.46 -12.14 23.70
N GLN A 234 18.52 -12.47 25.00
CA GLN A 234 17.63 -13.48 25.64
C GLN A 234 16.72 -12.75 26.63
N ILE A 235 15.58 -13.35 26.97
CA ILE A 235 14.83 -12.98 28.20
C ILE A 235 15.60 -13.59 29.38
N MET A 236 15.64 -12.90 30.51
CA MET A 236 16.33 -13.38 31.74
C MET A 236 15.32 -14.06 32.65
N ARG A 237 15.62 -15.30 33.06
CA ARG A 237 14.93 -15.99 34.17
C ARG A 237 14.98 -15.07 35.39
N PRO A 238 13.83 -14.75 36.03
CA PRO A 238 13.86 -14.06 37.32
C PRO A 238 14.26 -14.98 38.50
N GLU A 239 14.70 -14.39 39.61
CA GLU A 239 14.61 -14.97 40.99
C GLU A 239 14.90 -13.86 42.01
N SER B 29 -3.33 23.49 -6.08
CA SER B 29 -3.47 22.30 -6.97
C SER B 29 -2.12 21.93 -7.60
N GLY B 30 -1.62 22.74 -8.55
CA GLY B 30 -0.38 22.49 -9.32
C GLY B 30 -0.64 21.75 -10.62
N THR B 31 -1.86 21.24 -10.84
CA THR B 31 -2.29 20.53 -12.08
C THR B 31 -2.65 21.55 -13.16
N ILE B 32 -2.42 21.18 -14.41
CA ILE B 32 -2.71 21.97 -15.64
C ILE B 32 -3.28 21.03 -16.71
N LEU B 33 -4.36 21.43 -17.38
CA LEU B 33 -5.01 20.65 -18.46
C LEU B 33 -4.68 21.32 -19.79
N ILE B 34 -4.16 20.56 -20.77
CA ILE B 34 -3.95 21.04 -22.16
C ILE B 34 -5.07 20.46 -23.02
N ASP B 35 -5.96 21.34 -23.51
CA ASP B 35 -6.99 21.00 -24.51
C ASP B 35 -6.27 20.58 -25.80
N LEU B 36 -6.57 19.39 -26.28
CA LEU B 36 -5.98 18.88 -27.55
C LEU B 36 -6.96 19.20 -28.68
N SER B 37 -6.41 19.79 -29.75
CA SER B 37 -7.11 19.95 -31.05
C SER B 37 -7.52 18.57 -31.54
N PRO B 38 -8.77 18.36 -32.02
CA PRO B 38 -9.17 17.08 -32.63
C PRO B 38 -8.36 16.66 -33.86
N ASP B 39 -7.59 17.59 -34.43
CA ASP B 39 -6.69 17.39 -35.59
C ASP B 39 -5.33 16.88 -35.10
N ASP B 40 -5.05 17.07 -33.81
CA ASP B 40 -3.81 16.65 -33.10
C ASP B 40 -3.75 15.11 -33.09
N LYS B 41 -2.70 14.52 -33.66
CA LYS B 41 -2.51 13.04 -33.74
C LYS B 41 -2.67 12.43 -32.34
N GLU B 42 -2.08 13.08 -31.33
CA GLU B 42 -2.15 12.68 -29.90
C GLU B 42 -3.63 12.47 -29.51
N PHE B 43 -4.50 13.41 -29.87
CA PHE B 43 -5.98 13.35 -29.68
C PHE B 43 -6.52 12.12 -30.42
N GLN B 44 -6.23 12.04 -31.72
CA GLN B 44 -6.74 10.99 -32.65
C GLN B 44 -6.36 9.61 -32.10
N SER B 45 -5.14 9.53 -31.55
CA SER B 45 -4.56 8.29 -30.96
C SER B 45 -5.49 7.79 -29.85
N VAL B 46 -5.76 8.66 -28.88
CA VAL B 46 -6.68 8.41 -27.73
C VAL B 46 -8.11 8.24 -28.25
N GLU B 47 -8.54 9.13 -29.15
CA GLU B 47 -9.86 9.04 -29.82
C GLU B 47 -10.07 7.61 -30.31
N GLU B 48 -9.08 7.08 -31.05
CA GLU B 48 -9.20 5.78 -31.74
C GLU B 48 -9.21 4.65 -30.71
N GLU B 49 -8.24 4.65 -29.79
CA GLU B 49 -8.11 3.63 -28.71
C GLU B 49 -9.45 3.54 -27.97
N MET B 50 -10.03 4.69 -27.64
CA MET B 50 -11.33 4.79 -26.93
C MET B 50 -12.42 4.06 -27.73
N GLN B 51 -12.59 4.43 -28.99
CA GLN B 51 -13.70 3.93 -29.85
C GLN B 51 -13.49 2.43 -30.09
N SER B 52 -12.26 2.02 -30.47
CA SER B 52 -11.93 0.66 -30.97
C SER B 52 -12.04 -0.39 -29.87
N THR B 53 -11.81 0.00 -28.62
CA THR B 53 -11.73 -0.94 -27.48
C THR B 53 -13.12 -1.17 -26.85
N VAL B 54 -14.18 -0.67 -27.48
CA VAL B 54 -15.58 -0.86 -26.98
C VAL B 54 -15.98 -2.30 -27.27
N ARG B 55 -16.76 -2.92 -26.38
CA ARG B 55 -17.29 -4.30 -26.54
C ARG B 55 -18.78 -4.34 -26.16
N GLU B 56 -19.54 -5.26 -26.77
CA GLU B 56 -20.86 -5.74 -26.26
C GLU B 56 -20.61 -6.41 -24.91
N HIS B 57 -21.41 -6.08 -23.89
CA HIS B 57 -21.23 -6.57 -22.50
C HIS B 57 -22.23 -7.68 -22.17
N ARG B 58 -21.83 -8.57 -21.26
CA ARG B 58 -22.68 -9.58 -20.59
C ARG B 58 -23.99 -8.92 -20.15
N ASP B 59 -23.91 -7.77 -19.45
CA ASP B 59 -25.02 -7.17 -18.68
C ASP B 59 -25.99 -6.43 -19.61
N GLY B 60 -25.72 -6.38 -20.92
CA GLY B 60 -26.58 -5.69 -21.91
C GLY B 60 -26.70 -4.21 -21.62
N GLY B 61 -25.61 -3.60 -21.11
CA GLY B 61 -25.52 -2.16 -20.84
C GLY B 61 -26.23 -1.72 -19.57
N HIS B 62 -26.65 -2.66 -18.74
CA HIS B 62 -27.27 -2.39 -17.42
C HIS B 62 -26.38 -1.47 -16.56
N ALA B 63 -25.05 -1.56 -16.70
CA ALA B 63 -24.07 -0.82 -15.87
C ALA B 63 -23.66 0.48 -16.56
N GLY B 64 -23.13 0.38 -17.79
CA GLY B 64 -22.54 1.52 -18.53
C GLY B 64 -23.47 2.12 -19.56
N GLY B 65 -24.65 1.53 -19.77
CA GLY B 65 -25.61 1.95 -20.81
C GLY B 65 -25.45 1.13 -22.08
N ILE B 66 -26.35 1.34 -23.04
CA ILE B 66 -26.39 0.69 -24.39
C ILE B 66 -25.75 1.66 -25.39
N PHE B 67 -24.70 1.22 -26.10
CA PHE B 67 -23.94 2.03 -27.09
C PHE B 67 -22.95 1.11 -27.80
N ASN B 68 -22.53 1.45 -29.01
CA ASN B 68 -21.36 0.81 -29.67
C ASN B 68 -20.31 1.87 -30.01
N ARG B 69 -20.53 3.13 -29.63
CA ARG B 69 -19.69 4.28 -30.04
C ARG B 69 -19.88 5.40 -28.99
N TYR B 70 -18.90 6.31 -28.92
CA TYR B 70 -18.94 7.49 -28.03
C TYR B 70 -19.02 8.77 -28.86
N ASN B 71 -19.58 9.82 -28.27
CA ASN B 71 -19.43 11.23 -28.70
C ASN B 71 -18.24 11.81 -27.93
N ILE B 72 -17.12 12.03 -28.61
CA ILE B 72 -15.84 12.47 -27.99
C ILE B 72 -15.80 14.00 -27.99
N LEU B 73 -16.03 14.60 -26.82
CA LEU B 73 -16.22 16.06 -26.66
C LEU B 73 -14.87 16.74 -26.41
N LYS B 74 -14.06 16.22 -25.50
CA LYS B 74 -12.83 16.94 -25.07
C LYS B 74 -11.82 15.93 -24.51
N ILE B 75 -10.62 15.95 -25.08
CA ILE B 75 -9.43 15.24 -24.57
C ILE B 75 -8.42 16.28 -24.13
N GLN B 76 -8.08 16.27 -22.84
CA GLN B 76 -7.08 17.18 -22.21
C GLN B 76 -5.91 16.34 -21.66
N LYS B 77 -4.69 16.71 -22.02
CA LYS B 77 -3.45 16.17 -21.39
C LYS B 77 -3.33 16.78 -19.99
N VAL B 78 -3.21 15.93 -18.97
CA VAL B 78 -3.00 16.34 -17.55
C VAL B 78 -1.50 16.54 -17.35
N CYS B 79 -1.10 17.68 -16.80
CA CYS B 79 0.32 18.04 -16.54
C CYS B 79 0.48 18.47 -15.09
N ASN B 80 1.25 17.72 -14.31
CA ASN B 80 1.47 17.96 -12.85
C ASN B 80 2.83 17.39 -12.44
N LYS B 81 3.82 18.24 -12.15
CA LYS B 81 5.22 17.79 -11.82
C LYS B 81 5.16 16.85 -10.59
N LYS B 82 4.60 17.29 -9.46
CA LYS B 82 4.51 16.49 -8.22
C LYS B 82 4.08 15.07 -8.62
N LEU B 83 3.02 14.94 -9.41
CA LEU B 83 2.44 13.61 -9.77
C LEU B 83 3.35 12.87 -10.77
N TRP B 84 3.98 13.56 -11.71
CA TRP B 84 4.85 12.90 -12.70
C TRP B 84 6.05 12.27 -11.99
N GLU B 85 6.64 13.01 -11.05
CA GLU B 85 7.84 12.59 -10.26
C GLU B 85 7.46 11.43 -9.32
N ARG B 86 6.30 11.52 -8.68
CA ARG B 86 5.75 10.42 -7.83
C ARG B 86 5.69 9.12 -8.65
N TYR B 87 5.30 9.21 -9.93
CA TYR B 87 5.08 8.04 -10.81
C TYR B 87 6.43 7.46 -11.24
N THR B 88 7.25 8.23 -11.95
CA THR B 88 8.54 7.81 -12.53
C THR B 88 9.44 7.20 -11.44
N HIS B 89 9.39 7.80 -10.24
CA HIS B 89 10.14 7.34 -9.04
C HIS B 89 9.75 5.92 -8.70
N ARG B 90 8.45 5.65 -8.65
CA ARG B 90 7.88 4.31 -8.33
C ARG B 90 8.21 3.39 -9.50
N ARG B 91 8.02 3.88 -10.72
CA ARG B 91 8.24 3.11 -11.97
C ARG B 91 9.65 2.52 -11.92
N LYS B 92 10.65 3.35 -11.61
CA LYS B 92 12.07 2.94 -11.48
C LYS B 92 12.17 1.78 -10.49
N GLU B 93 11.71 2.01 -9.25
CA GLU B 93 11.74 1.01 -8.16
C GLU B 93 11.21 -0.31 -8.70
N VAL B 94 10.03 -0.29 -9.32
CA VAL B 94 9.35 -1.52 -9.81
C VAL B 94 10.25 -2.22 -10.82
N SER B 95 10.76 -1.49 -11.82
CA SER B 95 11.69 -2.03 -12.85
C SER B 95 12.76 -2.86 -12.14
N GLU B 96 13.46 -2.28 -11.17
CA GLU B 96 14.56 -2.93 -10.42
C GLU B 96 14.06 -4.21 -9.76
N GLU B 97 12.80 -4.24 -9.32
CA GLU B 97 12.20 -5.41 -8.63
C GLU B 97 11.59 -6.39 -9.64
N ASN B 98 11.82 -6.21 -10.94
CA ASN B 98 11.14 -6.99 -12.00
C ASN B 98 12.02 -7.08 -13.25
N HIS B 99 13.32 -7.33 -13.07
CA HIS B 99 14.31 -7.56 -14.15
C HIS B 99 14.38 -6.34 -15.07
N ASN B 100 14.36 -5.16 -14.46
CA ASN B 100 14.54 -3.84 -15.12
C ASN B 100 13.49 -3.64 -16.22
N HIS B 101 12.28 -4.12 -16.00
CA HIS B 101 11.10 -3.87 -16.88
C HIS B 101 9.92 -3.40 -16.02
N ALA B 102 9.40 -2.21 -16.33
CA ALA B 102 8.32 -1.54 -15.57
C ALA B 102 6.98 -2.25 -15.84
N ASN B 103 6.82 -2.89 -16.99
CA ASN B 103 5.53 -3.46 -17.49
C ASN B 103 4.51 -2.33 -17.56
N GLU B 104 4.85 -1.26 -18.28
CA GLU B 104 4.03 -0.02 -18.35
C GLU B 104 2.97 -0.18 -19.44
N ARG B 105 1.73 0.16 -19.11
CA ARG B 105 0.58 0.06 -20.02
C ARG B 105 -0.23 1.36 -19.96
N MET B 106 -0.76 1.80 -21.10
CA MET B 106 -1.87 2.78 -21.20
C MET B 106 -3.17 2.03 -20.94
N LEU B 107 -3.86 2.35 -19.85
CA LEU B 107 -5.16 1.72 -19.49
C LEU B 107 -6.17 2.79 -19.10
N PHE B 108 -7.44 2.54 -19.43
CA PHE B 108 -8.59 3.39 -19.06
C PHE B 108 -8.89 3.18 -17.59
N HIS B 109 -9.25 4.26 -16.90
CA HIS B 109 -9.80 4.22 -15.53
C HIS B 109 -11.13 4.97 -15.48
N GLY B 110 -12.17 4.28 -14.98
CA GLY B 110 -13.46 4.86 -14.59
C GLY B 110 -13.63 4.78 -13.09
N SER B 111 -14.12 5.87 -12.49
CA SER B 111 -14.56 5.95 -11.07
C SER B 111 -15.22 7.30 -10.83
N PRO B 112 -16.08 7.46 -9.78
CA PRO B 112 -16.64 8.76 -9.44
C PRO B 112 -15.64 9.87 -9.07
N PHE B 113 -14.35 9.56 -8.94
CA PHE B 113 -13.36 10.45 -8.27
C PHE B 113 -12.39 11.07 -9.27
N VAL B 114 -12.77 11.12 -10.55
CA VAL B 114 -11.85 11.55 -11.65
C VAL B 114 -11.40 13.00 -11.40
N ASN B 115 -12.29 13.86 -10.95
CA ASN B 115 -11.97 15.30 -10.73
C ASN B 115 -10.95 15.44 -9.59
N ALA B 116 -11.06 14.61 -8.56
CA ALA B 116 -10.12 14.59 -7.43
C ALA B 116 -8.75 14.11 -7.94
N ILE B 117 -8.77 13.02 -8.71
CA ILE B 117 -7.56 12.24 -9.12
C ILE B 117 -6.59 13.14 -9.89
N ILE B 118 -7.09 14.00 -10.77
CA ILE B 118 -6.26 14.85 -11.67
C ILE B 118 -5.55 15.95 -10.86
N HIS B 119 -5.99 16.19 -9.61
CA HIS B 119 -5.42 17.20 -8.69
C HIS B 119 -4.52 16.53 -7.64
N LYS B 120 -5.06 15.58 -6.87
CA LYS B 120 -4.34 15.01 -5.70
C LYS B 120 -3.62 13.71 -6.09
N GLY B 121 -3.91 13.15 -7.26
CA GLY B 121 -3.35 11.86 -7.74
C GLY B 121 -4.21 10.68 -7.31
N PHE B 122 -3.95 9.50 -7.87
CA PHE B 122 -4.60 8.23 -7.44
C PHE B 122 -4.23 8.01 -5.96
N ASP B 123 -5.16 7.47 -5.17
CA ASP B 123 -5.01 7.32 -3.71
C ASP B 123 -5.73 6.05 -3.25
N GLU B 124 -4.94 5.03 -2.90
CA GLU B 124 -5.42 3.66 -2.57
C GLU B 124 -6.34 3.72 -1.34
N ARG B 125 -6.17 4.72 -0.49
CA ARG B 125 -6.92 4.88 0.79
C ARG B 125 -8.42 5.06 0.53
N HIS B 126 -8.84 5.25 -0.73
CA HIS B 126 -10.27 5.40 -1.16
C HIS B 126 -10.73 4.16 -1.95
N ALA B 127 -9.90 3.11 -2.00
CA ALA B 127 -10.20 1.82 -2.69
C ALA B 127 -11.43 1.18 -2.05
N TYR B 128 -12.26 0.50 -2.85
CA TYR B 128 -13.45 -0.23 -2.36
C TYR B 128 -13.01 -1.60 -1.80
N ILE B 129 -13.24 -1.79 -0.50
CA ILE B 129 -12.80 -2.95 0.33
C ILE B 129 -13.35 -4.26 -0.25
N GLY B 130 -14.53 -4.22 -0.91
CA GLY B 130 -15.25 -5.42 -1.38
C GLY B 130 -15.16 -5.67 -2.88
N GLY B 131 -14.15 -5.15 -3.57
CA GLY B 131 -13.83 -5.54 -4.97
C GLY B 131 -13.62 -7.05 -5.07
N MET B 132 -13.70 -7.61 -6.28
CA MET B 132 -13.46 -9.06 -6.55
C MET B 132 -11.97 -9.38 -6.38
N PHE B 133 -11.10 -8.36 -6.36
CA PHE B 133 -9.63 -8.46 -6.17
C PHE B 133 -9.19 -7.56 -5.00
N GLY B 134 -10.09 -7.38 -4.02
CA GLY B 134 -9.83 -6.60 -2.80
C GLY B 134 -9.67 -5.12 -3.09
N ALA B 135 -9.12 -4.38 -2.14
CA ALA B 135 -9.07 -2.90 -2.11
C ALA B 135 -7.89 -2.43 -2.95
N GLY B 136 -8.07 -2.37 -4.27
CA GLY B 136 -7.10 -1.77 -5.21
C GLY B 136 -7.76 -0.77 -6.15
N ILE B 137 -6.99 -0.26 -7.11
CA ILE B 137 -7.47 0.70 -8.13
C ILE B 137 -7.56 -0.04 -9.46
N TYR B 138 -8.79 -0.24 -9.93
CA TYR B 138 -9.09 -1.06 -11.13
C TYR B 138 -8.91 -0.18 -12.37
N PHE B 139 -8.21 -0.74 -13.35
CA PHE B 139 -8.08 -0.23 -14.73
C PHE B 139 -8.67 -1.28 -15.67
N ALA B 140 -8.64 -0.99 -16.97
CA ALA B 140 -9.12 -1.88 -18.04
C ALA B 140 -8.46 -1.47 -19.36
N GLU B 141 -8.33 -2.41 -20.28
CA GLU B 141 -7.83 -2.14 -21.65
C GLU B 141 -9.02 -1.87 -22.58
N ASN B 142 -10.26 -1.97 -22.06
CA ASN B 142 -11.51 -1.68 -22.80
C ASN B 142 -12.23 -0.48 -22.15
N SER B 143 -12.18 0.70 -22.80
CA SER B 143 -12.98 1.89 -22.48
C SER B 143 -14.36 1.50 -21.95
N SER B 144 -15.09 0.64 -22.67
CA SER B 144 -16.50 0.28 -22.36
C SER B 144 -16.59 -0.38 -20.98
N LYS B 145 -15.50 -0.98 -20.51
CA LYS B 145 -15.43 -1.59 -19.14
C LYS B 145 -15.33 -0.48 -18.10
N SER B 146 -14.30 0.37 -18.20
CA SER B 146 -14.05 1.51 -17.28
C SER B 146 -15.30 2.40 -17.23
N ASN B 147 -15.97 2.58 -18.36
CA ASN B 147 -17.25 3.34 -18.47
C ASN B 147 -18.25 2.84 -17.42
N GLN B 148 -18.29 1.53 -17.17
CA GLN B 148 -19.24 0.89 -16.22
C GLN B 148 -19.10 1.48 -14.82
N TYR B 149 -17.90 1.93 -14.45
CA TYR B 149 -17.52 2.26 -13.05
C TYR B 149 -17.62 3.77 -12.83
N VAL B 150 -18.03 4.52 -13.85
CA VAL B 150 -17.99 6.02 -13.89
C VAL B 150 -18.94 6.58 -12.83
N TYR B 151 -20.16 6.03 -12.73
CA TYR B 151 -21.21 6.51 -11.78
C TYR B 151 -21.23 5.60 -10.55
N GLY B 152 -20.15 4.84 -10.32
CA GLY B 152 -19.97 3.96 -9.14
C GLY B 152 -19.84 2.49 -9.53
N ILE B 153 -19.94 1.60 -8.55
CA ILE B 153 -19.85 0.12 -8.72
C ILE B 153 -21.07 -0.35 -9.49
N GLY B 154 -20.87 -1.17 -10.53
CA GLY B 154 -21.92 -1.67 -11.43
C GLY B 154 -22.79 -0.54 -11.97
N GLY B 155 -22.20 0.63 -12.19
CA GLY B 155 -22.86 1.84 -12.70
C GLY B 155 -23.54 2.64 -11.59
N GLY B 156 -23.67 2.06 -10.40
CA GLY B 156 -24.32 2.69 -9.23
C GLY B 156 -25.73 3.15 -9.51
N THR B 157 -26.03 4.39 -9.12
CA THR B 157 -27.37 5.04 -9.21
C THR B 157 -27.58 5.63 -10.61
N GLY B 158 -26.62 5.44 -11.52
CA GLY B 158 -26.57 6.14 -12.83
C GLY B 158 -26.17 7.58 -12.65
N CYS B 159 -26.43 8.42 -13.66
CA CYS B 159 -26.11 9.87 -13.68
C CYS B 159 -26.74 10.58 -12.49
N PRO B 160 -26.16 11.70 -12.02
CA PRO B 160 -26.74 12.45 -10.90
C PRO B 160 -28.07 13.12 -11.25
N VAL B 161 -28.25 13.55 -12.50
CA VAL B 161 -29.39 14.42 -12.95
C VAL B 161 -30.63 13.56 -13.26
N HIS B 162 -30.48 12.46 -14.00
CA HIS B 162 -31.59 11.62 -14.53
C HIS B 162 -31.65 10.24 -13.85
N LYS B 163 -30.69 9.91 -12.99
CA LYS B 163 -30.57 8.57 -12.33
C LYS B 163 -30.68 7.46 -13.38
N ASP B 164 -29.97 7.59 -14.51
CA ASP B 164 -30.03 6.64 -15.66
C ASP B 164 -28.60 6.23 -16.02
N ARG B 165 -28.25 4.97 -15.78
CA ARG B 165 -26.91 4.41 -16.08
C ARG B 165 -26.64 4.49 -17.58
N SER B 166 -27.70 4.51 -18.40
CA SER B 166 -27.65 4.58 -19.89
C SER B 166 -27.97 5.99 -20.39
N CYS B 167 -27.65 7.04 -19.62
CA CYS B 167 -27.90 8.44 -20.02
C CYS B 167 -27.01 8.82 -21.20
N TYR B 168 -27.64 9.31 -22.28
CA TYR B 168 -26.96 9.81 -23.50
C TYR B 168 -26.76 11.33 -23.40
N ILE B 169 -27.34 11.95 -22.35
CA ILE B 169 -27.35 13.43 -22.16
C ILE B 169 -26.15 13.81 -21.30
N CYS B 170 -26.12 13.32 -20.06
CA CYS B 170 -25.07 13.68 -19.09
C CYS B 170 -23.70 13.28 -19.65
N HIS B 171 -22.78 14.24 -19.71
CA HIS B 171 -21.34 14.09 -20.07
C HIS B 171 -20.60 13.26 -19.03
N ARG B 172 -19.80 12.29 -19.48
CA ARG B 172 -18.99 11.39 -18.60
C ARG B 172 -17.52 11.78 -18.75
N GLN B 173 -16.69 11.37 -17.80
CA GLN B 173 -15.20 11.50 -17.87
C GLN B 173 -14.55 10.15 -17.58
N LEU B 174 -13.61 9.75 -18.44
CA LEU B 174 -12.67 8.62 -18.22
C LEU B 174 -11.27 9.20 -18.10
N LEU B 175 -10.37 8.44 -17.49
CA LEU B 175 -8.92 8.73 -17.53
C LEU B 175 -8.24 7.68 -18.38
N PHE B 176 -7.31 8.10 -19.24
CA PHE B 176 -6.39 7.20 -19.99
C PHE B 176 -5.00 7.40 -19.37
N CYS B 177 -4.60 6.43 -18.54
CA CYS B 177 -3.46 6.55 -17.58
C CYS B 177 -2.30 5.67 -18.00
N ARG B 178 -1.08 6.19 -17.86
CA ARG B 178 0.18 5.39 -17.79
C ARG B 178 0.13 4.60 -16.49
N VAL B 179 0.17 3.27 -16.57
CA VAL B 179 0.09 2.38 -15.39
C VAL B 179 1.33 1.49 -15.39
N THR B 180 2.03 1.43 -14.26
CA THR B 180 3.18 0.51 -13.99
C THR B 180 2.63 -0.75 -13.34
N LEU B 181 2.54 -1.85 -14.09
CA LEU B 181 1.96 -3.14 -13.61
C LEU B 181 3.04 -3.96 -12.91
N GLY B 182 4.31 -3.77 -13.29
CA GLY B 182 5.44 -4.57 -12.77
C GLY B 182 5.28 -6.05 -13.07
N LYS B 183 5.60 -6.90 -12.09
CA LYS B 183 5.29 -8.35 -12.11
C LYS B 183 3.84 -8.51 -11.65
N SER B 184 2.94 -8.88 -12.58
CA SER B 184 1.48 -8.93 -12.33
C SER B 184 1.08 -10.38 -12.05
N PHE B 185 0.45 -10.61 -10.90
CA PHE B 185 -0.11 -11.93 -10.51
C PHE B 185 -1.40 -12.16 -11.29
N LEU B 186 -1.57 -13.32 -11.93
CA LEU B 186 -2.83 -13.69 -12.63
C LEU B 186 -3.76 -14.41 -11.66
N GLN B 187 -5.01 -13.93 -11.52
CA GLN B 187 -6.00 -14.43 -10.54
C GLN B 187 -7.35 -14.58 -11.24
N PHE B 188 -8.28 -15.33 -10.63
CA PHE B 188 -9.64 -15.61 -11.14
C PHE B 188 -10.73 -14.89 -10.31
N SER B 189 -11.96 -14.95 -10.80
CA SER B 189 -13.21 -14.57 -10.07
C SER B 189 -14.00 -15.84 -9.71
N MET B 193 -8.07 -10.01 -0.49
CA MET B 193 -6.89 -9.26 -1.01
C MET B 193 -6.89 -7.82 -0.47
N ALA B 194 -5.70 -7.26 -0.19
CA ALA B 194 -5.49 -5.91 0.39
C ALA B 194 -4.28 -5.21 -0.26
N HIS B 195 -3.19 -5.95 -0.52
CA HIS B 195 -2.00 -5.48 -1.30
C HIS B 195 -1.73 -6.45 -2.45
N SER B 196 -0.67 -6.17 -3.21
CA SER B 196 -0.09 -7.10 -4.21
C SER B 196 0.28 -8.39 -3.49
N PRO B 197 0.15 -9.57 -4.14
CA PRO B 197 0.74 -10.79 -3.59
C PRO B 197 2.26 -10.60 -3.48
N PRO B 198 2.93 -11.39 -2.61
CA PRO B 198 4.37 -11.20 -2.39
C PRO B 198 5.17 -11.27 -3.69
N GLY B 199 6.18 -10.39 -3.82
CA GLY B 199 7.09 -10.30 -4.98
C GLY B 199 6.37 -9.86 -6.26
N HIS B 200 5.18 -9.25 -6.15
CA HIS B 200 4.35 -8.78 -7.30
C HIS B 200 3.98 -7.30 -7.10
N HIS B 201 3.58 -6.60 -8.18
CA HIS B 201 3.32 -5.14 -8.17
C HIS B 201 1.88 -4.80 -8.59
N SER B 202 1.19 -5.75 -9.21
CA SER B 202 -0.18 -5.60 -9.75
C SER B 202 -0.88 -6.96 -9.80
N VAL B 203 -2.17 -6.95 -10.09
CA VAL B 203 -2.99 -8.17 -10.37
C VAL B 203 -3.65 -7.97 -11.73
N THR B 204 -3.53 -8.97 -12.62
CA THR B 204 -4.31 -9.08 -13.86
C THR B 204 -5.39 -10.13 -13.63
N GLY B 205 -6.67 -9.73 -13.66
CA GLY B 205 -7.82 -10.64 -13.55
C GLY B 205 -8.22 -11.10 -14.92
N ARG B 206 -8.54 -12.38 -15.08
CA ARG B 206 -8.84 -12.99 -16.39
C ARG B 206 -10.34 -13.21 -16.47
N PRO B 207 -10.89 -13.59 -17.66
CA PRO B 207 -12.24 -14.13 -17.76
C PRO B 207 -12.44 -15.48 -17.05
N SER B 208 -13.65 -16.07 -17.14
CA SER B 208 -14.02 -17.37 -16.55
C SER B 208 -15.48 -17.70 -16.85
N VAL B 209 -15.87 -18.97 -16.70
CA VAL B 209 -17.27 -19.48 -16.75
C VAL B 209 -18.09 -18.71 -15.69
N ASN B 210 -17.66 -18.75 -14.42
CA ASN B 210 -18.34 -18.10 -13.26
C ASN B 210 -17.52 -16.91 -12.77
N GLY B 211 -16.71 -16.28 -13.65
CA GLY B 211 -15.91 -15.07 -13.37
C GLY B 211 -16.24 -13.94 -14.34
N LEU B 212 -15.24 -13.40 -15.05
CA LEU B 212 -15.38 -12.20 -15.92
C LEU B 212 -15.77 -12.61 -17.36
N ALA B 213 -15.61 -11.67 -18.30
CA ALA B 213 -15.38 -11.92 -19.75
C ALA B 213 -14.19 -11.07 -20.24
N LEU B 214 -13.84 -9.98 -19.53
CA LEU B 214 -12.86 -8.96 -19.95
C LEU B 214 -11.72 -8.85 -18.91
N ALA B 215 -10.57 -8.35 -19.34
CA ALA B 215 -9.36 -8.12 -18.51
C ALA B 215 -9.54 -6.85 -17.65
N GLU B 216 -9.43 -7.00 -16.32
CA GLU B 216 -9.23 -5.90 -15.34
C GLU B 216 -7.76 -5.91 -14.90
N TYR B 217 -7.23 -4.77 -14.47
CA TYR B 217 -5.89 -4.65 -13.86
C TYR B 217 -6.00 -3.85 -12.57
N VAL B 218 -5.28 -4.27 -11.53
CA VAL B 218 -5.43 -3.67 -10.18
C VAL B 218 -4.05 -3.30 -9.63
N ILE B 219 -3.91 -2.08 -9.11
CA ILE B 219 -2.75 -1.64 -8.30
C ILE B 219 -3.27 -1.34 -6.88
N TYR B 220 -2.38 -1.39 -5.90
CA TYR B 220 -2.69 -1.19 -4.46
C TYR B 220 -1.80 -0.07 -3.91
N ARG B 221 -1.29 0.76 -4.82
CA ARG B 221 -0.41 1.92 -4.56
C ARG B 221 -0.66 2.97 -5.66
N GLY B 222 -1.15 4.14 -5.26
CA GLY B 222 -1.59 5.20 -6.18
C GLY B 222 -0.51 5.65 -7.16
N GLU B 223 0.78 5.48 -6.84
CA GLU B 223 1.88 6.07 -7.66
C GLU B 223 2.31 5.09 -8.78
N GLN B 224 1.65 3.94 -8.90
CA GLN B 224 1.89 2.99 -10.01
C GLN B 224 1.07 3.37 -11.24
N ALA B 225 0.41 4.55 -11.22
CA ALA B 225 -0.46 5.05 -12.30
C ALA B 225 -0.44 6.58 -12.34
N TYR B 226 -0.33 7.14 -13.53
CA TYR B 226 -0.45 8.60 -13.81
C TYR B 226 -1.60 8.81 -14.81
N PRO B 227 -2.58 9.70 -14.51
CA PRO B 227 -3.73 9.90 -15.38
C PRO B 227 -3.41 10.90 -16.50
N GLU B 228 -2.92 10.39 -17.64
CA GLU B 228 -2.19 11.23 -18.63
C GLU B 228 -3.18 12.08 -19.44
N TYR B 229 -4.40 11.56 -19.67
CA TYR B 229 -5.43 12.18 -20.54
C TYR B 229 -6.79 12.15 -19.86
N LEU B 230 -7.43 13.30 -19.78
CA LEU B 230 -8.82 13.44 -19.29
C LEU B 230 -9.75 13.50 -20.50
N ILE B 231 -10.64 12.52 -20.60
CA ILE B 231 -11.56 12.35 -21.77
C ILE B 231 -12.96 12.69 -21.31
N THR B 232 -13.52 13.77 -21.87
CA THR B 232 -14.94 14.16 -21.69
C THR B 232 -15.71 13.67 -22.90
N TYR B 233 -16.86 13.04 -22.67
CA TYR B 233 -17.59 12.29 -23.72
C TYR B 233 -19.01 11.98 -23.28
N GLN B 234 -19.88 11.67 -24.24
CA GLN B 234 -21.17 10.99 -24.01
C GLN B 234 -21.09 9.59 -24.65
N ILE B 235 -21.89 8.65 -24.17
CA ILE B 235 -22.22 7.42 -24.93
C ILE B 235 -23.20 7.85 -26.02
N MET B 236 -23.10 7.26 -27.22
CA MET B 236 -24.04 7.60 -28.32
C MET B 236 -25.12 6.51 -28.40
N ARG B 237 -26.38 6.96 -28.39
CA ARG B 237 -27.57 6.16 -28.74
C ARG B 237 -27.32 5.51 -30.09
N PRO B 238 -27.42 4.17 -30.21
CA PRO B 238 -27.11 3.49 -31.47
C PRO B 238 -28.15 3.69 -32.58
N GLU B 239 -27.71 3.57 -33.84
CA GLU B 239 -28.49 3.71 -35.09
C GLU B 239 -29.47 4.88 -34.99
FBH NJK C . 4.23 -10.76 13.49
CBG NJK C . 3.77 -11.23 12.23
CBI NJK C . 3.57 -12.59 12.02
CBJ NJK C . 3.10 -13.04 10.79
CBK NJK C . 2.83 -12.14 9.77
CBL NJK C . 3.01 -10.78 9.98
CBF NJK C . 3.47 -10.32 11.20
NBE NJK C . 3.68 -9.03 11.41
CAJ NJK C . 3.15 -8.22 12.30
CAG NJK C . 2.15 -8.45 13.18
CAF NJK C . 2.30 -7.94 14.46
CAE NJK C . 1.29 -8.09 15.41
NAH NJK C . 1.01 -9.09 12.87
CAI NJK C . -0.04 -9.25 13.82
CAD NJK C . 0.11 -8.75 15.11
OAC NJK C . -0.83 -8.82 16.11
CAB NJK C . -1.81 -9.82 16.09
CAA NJK C . -2.28 -9.85 17.56
NAK NJK C . 3.71 -7.02 12.13
NAL NJK C . 4.56 -7.06 11.25
CAM NJK C . 4.58 -8.30 10.77
CAN NJK C . 5.54 -8.85 9.67
CAQ NJK C . 4.94 -8.95 8.30
CAO NJK C . 6.58 -7.82 9.21
CAP NJK C . 6.06 -8.01 7.83
NAR NJK C . 7.03 -8.73 6.98
CAS NJK C . 8.05 -8.10 6.31
OAT NJK C . 8.27 -6.89 6.37
CAU NJK C . 8.81 -8.93 5.45
NBD NJK C . 8.52 -10.25 5.36
CBC NJK C . 9.19 -11.08 4.54
CBB NJK C . 8.83 -12.43 4.52
CBA NJK C . 9.51 -13.30 3.67
CAZ NJK C . 10.54 -12.80 2.89
NAY NJK C . 10.87 -11.42 2.93
CAX NJK C . 10.21 -10.60 3.75
CAW NJK C . 10.54 -9.25 3.80
CAV NJK C . 9.83 -8.40 4.65
HBI NJK C . 3.78 -13.30 12.82
HBJ NJK C . 2.94 -14.10 10.63
HBK NJK C . 2.46 -12.50 8.81
HBL NJK C . 2.79 -10.07 9.17
HAG NJK C . 3.22 -7.42 14.73
HAF NJK C . 1.43 -7.68 16.40
HAI NJK C . -0.95 -9.77 13.53
HAE NJK C . -2.71 -9.58 15.59
HAD NJK C . -1.46 -10.81 15.95
HAB NJK C . -1.76 -9.09 18.14
HAC NJK C . -2.07 -10.84 17.99
HAA NJK C . -3.36 -9.66 17.60
HAN NJK C . 6.01 -9.77 9.97
HAR NJK C . 4.00 -8.45 8.12
HAS NJK C . 5.10 -9.83 7.73
HAO NJK C . 7.59 -8.18 9.35
HAP NJK C . 6.41 -6.82 9.60
HAQ NJK C . 5.68 -7.09 7.41
HBM NJK C . 6.90 -9.71 6.83
HBB NJK C . 8.01 -12.79 5.14
HBA NJK C . 9.25 -14.36 3.64
HAZ NJK C . 11.08 -13.46 2.22
HAW NJK C . 11.35 -8.86 3.17
HAV NJK C . 10.08 -7.34 4.70
ZN ZN D . 14.58 -22.63 22.93
FBH NJK E . -14.92 2.92 -9.02
CBG NJK E . -14.86 2.88 -7.63
CBI NJK E . -16.01 3.10 -6.90
CBJ NJK E . -15.97 3.09 -5.51
CBK NJK E . -14.78 2.84 -4.85
CBL NJK E . -13.62 2.62 -5.58
CBF NJK E . -13.67 2.66 -6.98
NBE NJK E . -12.57 2.42 -7.67
CAJ NJK E . -12.31 1.33 -8.35
CAG NJK E . -13.02 0.20 -8.49
CAF NJK E . -13.40 -0.19 -9.77
CAE NJK E . -14.08 -1.40 -9.95
NAH NJK E . -13.29 -0.59 -7.44
CAI NJK E . -13.96 -1.82 -7.62
CAD NJK E . -14.36 -2.21 -8.87
OAC NJK E . -14.98 -3.42 -9.02
CAB NJK E . -16.27 -3.53 -9.57
CAA NJK E . -16.75 -4.91 -9.11
NAK NJK E . -11.10 1.47 -8.91
NAL NJK E . -10.64 2.59 -8.62
CAM NJK E . -11.51 3.20 -7.85
CAN NJK E . -11.40 4.60 -7.29
CAQ NJK E . -11.32 4.61 -5.79
CAO NJK E . -10.05 5.22 -7.47
CAP NJK E . -9.97 5.37 -5.95
NAR NJK E . -10.02 6.80 -5.44
CAS NJK E . -9.07 7.73 -5.70
OAT NJK E . -8.08 7.50 -6.40
CAU NJK E . -9.23 8.98 -5.06
NBD NJK E . -10.35 9.30 -4.39
CBC NJK E . -10.49 10.48 -3.74
CBB NJK E . -11.67 10.75 -3.04
CBA NJK E . -11.81 11.95 -2.38
CAZ NJK E . -10.78 12.88 -2.42
NAY NJK E . -9.60 12.59 -3.12
CAX NJK E . -9.47 11.42 -3.76
CAW NJK E . -8.31 11.14 -4.45
CAV NJK E . -8.19 9.91 -5.10
HBI NJK E . -16.96 3.30 -7.41
HBJ NJK E . -16.88 3.26 -4.94
HBK NJK E . -14.75 2.82 -3.76
HBL NJK E . -12.70 2.43 -5.07
HAG NJK E . -13.17 0.44 -10.62
HAF NJK E . -14.37 -1.70 -10.95
HAI NJK E . -14.18 -2.45 -6.75
HAE NJK E . -16.99 -2.87 -9.17
HAD NJK E . -16.15 -3.50 -10.63
HAB NJK E . -16.04 -5.33 -8.39
HAC NJK E . -16.85 -5.57 -9.97
HAA NJK E . -17.72 -4.81 -8.62
HAN NJK E . -12.19 5.24 -7.65
HAR NJK E . -11.08 3.71 -5.26
HAS NJK E . -11.91 5.32 -5.26
HAO NJK E . -10.09 6.16 -8.00
HAP NJK E . -9.29 4.54 -7.86
HAQ NJK E . -9.14 4.80 -5.53
HBM NJK E . -10.77 7.04 -4.82
HBB NJK E . -12.47 10.01 -3.01
HBA NJK E . -12.73 12.18 -1.84
HAZ NJK E . -10.89 13.85 -1.91
HAW NJK E . -7.49 11.86 -4.48
HAV NJK E . -7.27 9.69 -5.64
ZN ZN F . -28.38 12.16 -17.13
#